data_9F4D
#
_entry.id   9F4D
#
_cell.length_a   38.050
_cell.length_b   43.928
_cell.length_c   55.955
_cell.angle_alpha   90.000
_cell.angle_beta   94.010
_cell.angle_gamma   90.000
#
_symmetry.space_group_name_H-M   'P 1 21 1'
#
loop_
_entity.id
_entity.type
_entity.pdbx_description
1 polymer 'Heterogeneous nuclear ribonucleoprotein A1, N-terminally processed'
2 non-polymer 1-ethyl-N-[(4-fluorophenyl)methyl]-1H-pyrazole-4-carboxamide
3 water water
#
_entity_poly.entity_id   1
_entity_poly.type   'polypeptide(L)'
_entity_poly.pdbx_seq_one_letter_code
;GPMGSKSESPKEPEQLRKLFIGGLSFETTDESLRSHFEQWGTLTDCVVMRDPNTKRSRGFGFVTYATVEEVDAAMNARPH
KVDGRVVEPKRAVSREDSQRPGAHLTVKKIFVGGIKEDTEEHHLRDYFEQYGKIEVIEIMTDRGSGKKRGFAFVTFDDHD
SVDKIVIQKYHTVNGHNCEVRKALSKQEMASASSSQRG
;
_entity_poly.pdbx_strand_id   A
#
# COMPACT_ATOMS: atom_id res chain seq x y z
N PRO A 10 -5.30 -18.79 12.31
CA PRO A 10 -4.23 -18.90 11.33
C PRO A 10 -3.77 -17.47 11.00
N LYS A 11 -2.53 -17.15 11.35
CA LYS A 11 -2.03 -15.76 11.22
C LYS A 11 -1.61 -15.44 9.79
N GLU A 12 -1.85 -14.19 9.42
CA GLU A 12 -1.35 -13.76 8.11
C GLU A 12 0.17 -13.78 8.15
N PRO A 13 0.81 -14.02 6.99
CA PRO A 13 2.27 -13.97 6.93
C PRO A 13 2.80 -12.69 7.54
N GLU A 14 3.86 -12.82 8.33
CA GLU A 14 4.45 -11.68 9.01
C GLU A 14 4.84 -10.57 8.04
N GLN A 15 5.33 -10.93 6.85
CA GLN A 15 5.74 -9.91 5.88
C GLN A 15 4.60 -8.97 5.53
N LEU A 16 3.35 -9.46 5.55
CA LEU A 16 2.21 -8.65 5.19
C LEU A 16 1.69 -7.83 6.36
N ARG A 17 2.29 -7.99 7.53
CA ARG A 17 1.90 -7.28 8.74
C ARG A 17 2.91 -6.21 9.13
N LYS A 18 3.93 -5.98 8.31
CA LYS A 18 5.02 -5.08 8.61
C LYS A 18 4.79 -3.73 7.95
N LEU A 19 5.17 -2.67 8.65
CA LEU A 19 5.29 -1.36 8.03
C LEU A 19 6.72 -0.88 8.17
N PHE A 20 7.34 -0.62 7.03
N PHE A 20 7.24 -0.36 7.09
CA PHE A 20 8.57 0.17 6.99
CA PHE A 20 8.60 0.10 6.99
C PHE A 20 8.22 1.60 7.32
C PHE A 20 8.53 1.63 7.07
N ILE A 21 8.98 2.22 8.19
CA ILE A 21 8.76 3.62 8.54
C ILE A 21 10.02 4.42 8.23
N GLY A 22 9.95 5.24 7.18
CA GLY A 22 11.06 6.11 6.82
C GLY A 22 10.87 7.52 7.37
N GLY A 23 11.96 8.27 7.31
CA GLY A 23 11.93 9.67 7.69
C GLY A 23 11.83 9.92 9.18
N LEU A 24 12.28 8.98 10.01
CA LEU A 24 12.17 9.16 11.45
C LEU A 24 13.02 10.33 11.92
N SER A 25 12.55 10.98 12.97
CA SER A 25 13.46 11.77 13.80
C SER A 25 14.57 10.87 14.33
N PHE A 26 15.80 11.38 14.29
CA PHE A 26 16.90 10.63 14.90
C PHE A 26 16.71 10.44 16.40
N GLU A 27 15.80 11.20 17.04
CA GLU A 27 15.54 10.98 18.45
C GLU A 27 14.46 9.93 18.73
N THR A 28 13.79 9.42 17.71
CA THR A 28 12.84 8.32 17.90
C THR A 28 13.53 7.05 18.35
N THR A 29 12.95 6.38 19.33
CA THR A 29 13.47 5.16 19.91
C THR A 29 12.50 4.02 19.65
N ASP A 30 12.94 2.77 19.94
CA ASP A 30 12.02 1.65 19.88
C ASP A 30 10.79 1.94 20.70
N GLU A 31 10.99 2.50 21.90
CA GLU A 31 9.88 2.76 22.80
C GLU A 31 8.95 3.86 22.28
N SER A 32 9.51 4.96 21.72
CA SER A 32 8.60 6.02 21.30
C SER A 32 7.92 5.67 19.97
N LEU A 33 8.60 4.92 19.09
CA LEU A 33 7.94 4.41 17.90
C LEU A 33 6.81 3.48 18.26
N ARG A 34 7.03 2.60 19.24
CA ARG A 34 6.01 1.68 19.69
C ARG A 34 4.84 2.42 20.32
N SER A 35 5.11 3.37 21.22
CA SER A 35 4.00 4.08 21.84
C SER A 35 3.14 4.77 20.80
N HIS A 36 3.75 5.27 19.72
CA HIS A 36 2.94 5.93 18.70
C HIS A 36 2.09 4.92 17.94
N PHE A 37 2.73 3.88 17.38
CA PHE A 37 1.99 3.02 16.47
C PHE A 37 1.11 2.01 17.18
N GLU A 38 1.27 1.79 18.50
CA GLU A 38 0.33 0.97 19.24
C GLU A 38 -1.07 1.59 19.28
N GLN A 39 -1.24 2.84 18.88
CA GLN A 39 -2.58 3.40 18.83
C GLN A 39 -3.46 2.68 17.82
N TRP A 40 -2.89 2.01 16.81
CA TRP A 40 -3.69 1.39 15.76
C TRP A 40 -3.63 -0.12 15.76
N GLY A 41 -3.01 -0.74 16.76
CA GLY A 41 -3.07 -2.19 16.85
C GLY A 41 -1.98 -2.72 17.75
N THR A 42 -2.08 -4.02 18.00
CA THR A 42 -1.08 -4.74 18.76
C THR A 42 0.21 -4.87 17.94
N LEU A 43 1.33 -4.43 18.51
CA LEU A 43 2.62 -4.55 17.84
C LEU A 43 3.39 -5.74 18.39
N THR A 44 3.67 -6.71 17.51
CA THR A 44 4.52 -7.83 17.88
C THR A 44 6.01 -7.52 17.74
N ASP A 45 6.37 -6.45 17.04
CA ASP A 45 7.76 -6.07 16.86
C ASP A 45 7.78 -4.58 16.56
N CYS A 46 8.87 -3.92 16.95
CA CYS A 46 9.04 -2.47 16.72
C CYS A 46 10.51 -2.15 16.91
N VAL A 47 11.18 -1.72 15.84
CA VAL A 47 12.63 -1.54 15.86
C VAL A 47 12.98 -0.26 15.12
N VAL A 48 13.82 0.58 15.75
CA VAL A 48 14.53 1.67 15.08
C VAL A 48 15.87 1.16 14.62
N MET A 49 16.20 1.35 13.34
CA MET A 49 17.50 0.91 12.86
C MET A 49 18.58 1.91 13.26
N ARG A 50 19.71 1.39 13.76
CA ARG A 50 20.80 2.21 14.27
C ARG A 50 22.13 1.74 13.69
N ASP A 51 23.08 2.65 13.70
CA ASP A 51 24.44 2.30 13.35
C ASP A 51 25.01 1.30 14.35
N PRO A 52 25.73 0.27 13.89
CA PRO A 52 26.24 -0.72 14.85
C PRO A 52 27.34 -0.19 15.75
N ASN A 53 28.06 0.86 15.33
CA ASN A 53 29.15 1.39 16.15
C ASN A 53 28.75 2.61 16.95
N THR A 54 28.07 3.58 16.31
CA THR A 54 27.75 4.82 17.00
C THR A 54 26.44 4.77 17.77
N LYS A 55 25.55 3.81 17.47
CA LYS A 55 24.17 3.75 17.95
C LYS A 55 23.32 4.93 17.47
N ARG A 56 23.84 5.77 16.58
CA ARG A 56 23.04 6.85 16.03
C ARG A 56 22.00 6.27 15.08
N SER A 57 20.77 6.79 15.20
CA SER A 57 19.68 6.36 14.34
C SER A 57 20.02 6.47 12.88
N ARG A 58 19.57 5.49 12.10
CA ARG A 58 19.63 5.53 10.66
C ARG A 58 18.40 6.21 10.06
N GLY A 59 17.47 6.67 10.91
CA GLY A 59 16.34 7.43 10.41
C GLY A 59 15.21 6.61 9.84
N PHE A 60 15.20 5.31 10.07
CA PHE A 60 14.08 4.49 9.64
C PHE A 60 13.99 3.30 10.58
N GLY A 61 12.85 2.62 10.50
CA GLY A 61 12.60 1.48 11.36
C GLY A 61 11.43 0.71 10.83
N PHE A 62 10.96 -0.26 11.58
N PHE A 62 10.91 -0.18 11.66
CA PHE A 62 9.77 -0.98 11.14
CA PHE A 62 9.86 -1.06 11.17
C PHE A 62 8.96 -1.38 12.35
C PHE A 62 8.98 -1.42 12.35
N VAL A 63 7.68 -1.59 12.10
CA VAL A 63 6.76 -2.09 13.10
C VAL A 63 6.02 -3.28 12.49
N THR A 64 5.66 -4.24 13.33
CA THR A 64 4.92 -5.41 12.90
C THR A 64 3.65 -5.49 13.73
N TYR A 65 2.49 -5.45 13.06
CA TYR A 65 1.22 -5.59 13.72
C TYR A 65 0.80 -7.05 13.82
N ALA A 66 -0.19 -7.34 14.67
CA ALA A 66 -0.72 -8.69 14.81
C ALA A 66 -1.56 -9.10 13.61
N THR A 67 -2.20 -8.16 12.93
CA THR A 67 -3.09 -8.47 11.81
C THR A 67 -2.93 -7.44 10.71
N VAL A 68 -3.33 -7.85 9.50
CA VAL A 68 -3.36 -6.96 8.34
C VAL A 68 -4.37 -5.82 8.54
N GLU A 69 -5.53 -6.10 9.16
CA GLU A 69 -6.47 -5.01 9.42
C GLU A 69 -5.84 -3.92 10.26
N GLU A 70 -4.93 -4.28 11.18
CA GLU A 70 -4.24 -3.24 11.95
C GLU A 70 -3.29 -2.44 11.07
N VAL A 71 -2.59 -3.10 10.14
CA VAL A 71 -1.78 -2.35 9.18
C VAL A 71 -2.64 -1.34 8.44
N ASP A 72 -3.82 -1.80 7.97
CA ASP A 72 -4.74 -0.90 7.27
C ASP A 72 -5.11 0.29 8.15
N ALA A 73 -5.40 0.05 9.43
CA ALA A 73 -5.79 1.15 10.32
C ALA A 73 -4.66 2.15 10.45
N ALA A 74 -3.44 1.66 10.57
CA ALA A 74 -2.31 2.56 10.67
C ALA A 74 -2.13 3.37 9.40
N MET A 75 -2.21 2.72 8.23
CA MET A 75 -2.12 3.48 6.99
C MET A 75 -3.26 4.46 6.81
N ASN A 76 -4.46 4.12 7.28
CA ASN A 76 -5.58 5.05 7.14
C ASN A 76 -5.44 6.24 8.07
N ALA A 77 -4.60 6.15 9.09
CA ALA A 77 -4.37 7.26 10.02
C ALA A 77 -3.20 8.16 9.63
N ARG A 78 -2.56 7.93 8.48
CA ARG A 78 -1.60 8.90 7.97
C ARG A 78 -2.30 10.25 7.76
N PRO A 79 -1.55 11.35 7.81
CA PRO A 79 -0.11 11.45 8.08
C PRO A 79 0.22 11.21 9.53
N HIS A 80 1.31 10.49 9.76
CA HIS A 80 1.80 10.23 11.10
C HIS A 80 2.93 11.18 11.45
N LYS A 81 2.75 11.92 12.54
CA LYS A 81 3.79 12.77 13.09
C LYS A 81 4.31 12.07 14.33
N VAL A 82 5.56 11.61 14.27
CA VAL A 82 6.15 10.79 15.32
C VAL A 82 7.30 11.59 15.90
N ASP A 83 7.22 11.90 17.19
CA ASP A 83 8.26 12.68 17.83
C ASP A 83 8.55 13.98 17.07
N GLY A 84 7.48 14.61 16.56
CA GLY A 84 7.57 15.91 15.94
C GLY A 84 7.83 15.93 14.45
N ARG A 85 8.00 14.78 13.81
CA ARG A 85 8.38 14.71 12.40
C ARG A 85 7.37 13.84 11.65
N VAL A 86 6.94 14.30 10.48
CA VAL A 86 6.04 13.47 9.67
C VAL A 86 6.87 12.36 9.02
N VAL A 87 6.46 11.11 9.25
CA VAL A 87 7.20 9.96 8.79
C VAL A 87 6.52 9.38 7.55
N GLU A 88 7.14 8.37 6.95
CA GLU A 88 6.66 7.77 5.70
C GLU A 88 6.53 6.26 5.88
N PRO A 89 5.34 5.79 6.24
CA PRO A 89 5.13 4.34 6.37
C PRO A 89 4.80 3.73 5.01
N LYS A 90 5.34 2.54 4.79
CA LYS A 90 5.07 1.77 3.57
C LYS A 90 4.99 0.30 3.94
N ARG A 91 4.08 -0.43 3.30
CA ARG A 91 4.06 -1.88 3.46
C ARG A 91 5.28 -2.51 2.80
N ALA A 92 5.50 -3.77 3.13
CA ALA A 92 6.47 -4.60 2.40
C ALA A 92 6.21 -4.59 0.90
N HIS A 104 11.24 -0.71 -2.43
CA HIS A 104 9.80 -0.52 -2.70
C HIS A 104 9.61 0.28 -3.99
N LEU A 105 8.79 -0.22 -4.91
CA LEU A 105 8.46 0.55 -6.14
C LEU A 105 7.19 1.33 -5.80
N THR A 106 7.34 2.61 -5.45
CA THR A 106 6.18 3.36 -4.94
C THR A 106 5.42 4.05 -6.05
N VAL A 107 4.29 3.47 -6.45
CA VAL A 107 3.53 4.03 -7.61
C VAL A 107 2.05 4.12 -7.21
N LYS A 108 1.31 4.92 -7.97
CA LYS A 108 -0.13 5.12 -7.69
C LYS A 108 -0.98 4.59 -8.84
N LYS A 109 -0.37 3.85 -9.75
CA LYS A 109 -1.10 3.42 -10.94
C LYS A 109 -0.94 1.92 -11.13
N ILE A 110 -2.02 1.27 -11.57
CA ILE A 110 -2.00 -0.16 -11.83
C ILE A 110 -2.46 -0.42 -13.27
N PHE A 111 -1.88 -1.49 -13.82
CA PHE A 111 -2.39 -2.16 -15.01
C PHE A 111 -3.39 -3.23 -14.58
N VAL A 112 -4.52 -3.28 -15.28
CA VAL A 112 -5.57 -4.28 -15.07
C VAL A 112 -5.80 -5.00 -16.38
N GLY A 113 -5.41 -6.27 -16.45
CA GLY A 113 -5.54 -7.03 -17.67
C GLY A 113 -6.59 -8.11 -17.58
N GLY A 114 -7.05 -8.58 -18.73
CA GLY A 114 -7.99 -9.67 -18.79
C GLY A 114 -9.44 -9.27 -18.63
N ILE A 115 -9.76 -7.99 -18.83
CA ILE A 115 -11.13 -7.53 -18.64
C ILE A 115 -11.97 -7.66 -19.90
N LYS A 116 -11.36 -8.04 -21.02
CA LYS A 116 -12.06 -8.35 -22.27
C LYS A 116 -12.76 -7.11 -22.81
N GLU A 117 -13.79 -7.30 -23.63
CA GLU A 117 -14.41 -6.12 -24.28
C GLU A 117 -15.68 -5.65 -23.56
N ASP A 118 -16.17 -6.36 -22.54
CA ASP A 118 -17.43 -6.03 -21.90
C ASP A 118 -17.29 -5.34 -20.56
N THR A 119 -16.07 -5.03 -20.13
CA THR A 119 -15.86 -4.35 -18.85
C THR A 119 -15.85 -2.84 -19.05
N GLU A 120 -16.65 -2.14 -18.26
CA GLU A 120 -16.87 -0.70 -18.34
C GLU A 120 -16.22 0.00 -17.15
N GLU A 121 -16.29 1.33 -17.18
CA GLU A 121 -15.68 2.15 -16.13
C GLU A 121 -16.27 1.82 -14.75
N HIS A 122 -17.59 1.70 -14.67
CA HIS A 122 -18.23 1.54 -13.37
C HIS A 122 -17.87 0.20 -12.73
N HIS A 123 -17.59 -0.84 -13.55
CA HIS A 123 -17.12 -2.11 -13.02
C HIS A 123 -15.80 -1.93 -12.28
N LEU A 124 -14.85 -1.28 -12.95
CA LEU A 124 -13.55 -1.03 -12.35
C LEU A 124 -13.66 -0.11 -11.16
N ARG A 125 -14.49 0.95 -11.26
CA ARG A 125 -14.59 1.90 -10.17
C ARG A 125 -15.21 1.26 -8.92
N ASP A 126 -16.32 0.52 -9.10
CA ASP A 126 -17.01 -0.04 -7.95
C ASP A 126 -16.12 -0.99 -7.19
N TYR A 127 -15.25 -1.70 -7.91
CA TYR A 127 -14.32 -2.62 -7.25
C TYR A 127 -13.13 -1.88 -6.64
N PHE A 128 -12.42 -1.10 -7.45
CA PHE A 128 -11.16 -0.55 -6.96
C PHE A 128 -11.33 0.61 -5.98
N GLU A 129 -12.49 1.27 -5.96
CA GLU A 129 -12.67 2.38 -5.04
C GLU A 129 -12.57 1.93 -3.58
N GLN A 130 -12.74 0.65 -3.31
CA GLN A 130 -12.62 0.14 -1.96
C GLN A 130 -11.18 -0.11 -1.55
N TYR A 131 -10.22 0.07 -2.47
CA TYR A 131 -8.80 0.06 -2.14
C TYR A 131 -8.24 1.46 -1.93
N GLY A 132 -8.86 2.48 -2.50
CA GLY A 132 -8.38 3.83 -2.31
C GLY A 132 -9.14 4.76 -3.21
N LYS A 133 -8.78 6.03 -3.13
CA LYS A 133 -9.46 7.07 -3.87
C LYS A 133 -8.95 7.09 -5.31
N ILE A 134 -9.87 6.90 -6.27
CA ILE A 134 -9.50 6.84 -7.67
C ILE A 134 -9.47 8.24 -8.27
N GLU A 135 -8.42 8.52 -9.04
CA GLU A 135 -8.37 9.76 -9.81
C GLU A 135 -8.55 9.58 -11.30
N VAL A 136 -8.09 8.48 -11.88
CA VAL A 136 -8.21 8.23 -13.32
C VAL A 136 -8.52 6.77 -13.57
N ILE A 137 -9.47 6.51 -14.46
CA ILE A 137 -9.66 5.19 -15.04
C ILE A 137 -9.52 5.32 -16.54
N GLU A 138 -8.62 4.54 -17.11
CA GLU A 138 -8.36 4.58 -18.54
C GLU A 138 -8.58 3.18 -19.12
N ILE A 139 -9.71 2.99 -19.79
CA ILE A 139 -10.02 1.74 -20.48
C ILE A 139 -9.42 1.82 -21.88
N MET A 140 -8.52 0.89 -22.20
CA MET A 140 -7.73 1.04 -23.41
C MET A 140 -8.48 0.54 -24.63
N THR A 141 -8.38 1.31 -25.69
CA THR A 141 -9.04 1.02 -26.95
C THR A 141 -8.02 1.04 -28.08
N ASP A 142 -8.36 0.32 -29.14
CA ASP A 142 -7.46 0.22 -30.27
C ASP A 142 -7.38 1.55 -31.02
N ARG A 143 -6.14 1.96 -31.32
CA ARG A 143 -5.86 3.23 -31.97
C ARG A 143 -6.50 3.32 -33.34
N GLY A 144 -6.65 2.18 -34.02
CA GLY A 144 -7.23 2.17 -35.36
C GLY A 144 -8.73 2.00 -35.39
N SER A 145 -9.26 1.07 -34.60
CA SER A 145 -10.67 0.68 -34.70
C SER A 145 -11.53 1.21 -33.57
N GLY A 146 -10.94 1.66 -32.48
CA GLY A 146 -11.72 2.02 -31.31
C GLY A 146 -12.21 0.86 -30.46
N LYS A 147 -11.96 -0.38 -30.85
CA LYS A 147 -12.44 -1.50 -30.06
C LYS A 147 -11.67 -1.61 -28.75
N LYS A 148 -12.35 -2.08 -27.72
CA LYS A 148 -11.66 -2.28 -26.46
C LYS A 148 -10.59 -3.35 -26.58
N ARG A 149 -9.45 -3.11 -25.96
CA ARG A 149 -8.33 -4.04 -26.04
C ARG A 149 -8.29 -5.05 -24.90
N GLY A 150 -9.13 -4.88 -23.88
CA GLY A 150 -9.16 -5.83 -22.79
C GLY A 150 -8.24 -5.53 -21.63
N PHE A 151 -7.82 -4.27 -21.48
CA PHE A 151 -7.06 -3.88 -20.30
C PHE A 151 -7.28 -2.41 -20.02
N ALA A 152 -6.87 -1.99 -18.83
CA ALA A 152 -7.15 -0.66 -18.32
C ALA A 152 -6.05 -0.25 -17.36
N PHE A 153 -5.98 1.05 -17.10
CA PHE A 153 -5.12 1.58 -16.06
C PHE A 153 -5.97 2.35 -15.09
N VAL A 154 -5.67 2.19 -13.79
CA VAL A 154 -6.35 2.91 -12.73
C VAL A 154 -5.31 3.66 -11.93
N THR A 155 -5.50 4.97 -11.78
CA THR A 155 -4.63 5.84 -10.99
C THR A 155 -5.34 6.24 -9.71
N PHE A 156 -4.66 6.07 -8.59
CA PHE A 156 -5.15 6.42 -7.27
C PHE A 156 -4.45 7.66 -6.75
N ASP A 157 -4.99 8.23 -5.67
CA ASP A 157 -4.34 9.41 -5.09
C ASP A 157 -3.18 9.07 -4.16
N ASP A 158 -2.87 7.78 -3.98
CA ASP A 158 -1.87 7.39 -2.98
C ASP A 158 -1.43 5.97 -3.25
N HIS A 159 -0.18 5.69 -2.90
CA HIS A 159 0.44 4.42 -3.22
C HIS A 159 -0.09 3.26 -2.41
N ASP A 160 -0.64 3.48 -1.20
CA ASP A 160 -1.01 2.33 -0.40
C ASP A 160 -2.11 1.51 -1.05
N SER A 161 -3.01 2.17 -1.76
N SER A 161 -3.00 2.17 -1.79
CA SER A 161 -4.02 1.48 -2.54
CA SER A 161 -4.04 1.45 -2.54
C SER A 161 -3.38 0.42 -3.44
C SER A 161 -3.41 0.42 -3.47
N VAL A 162 -2.41 0.85 -4.24
CA VAL A 162 -1.70 -0.06 -5.14
C VAL A 162 -1.00 -1.17 -4.36
N ASP A 163 -0.36 -0.83 -3.25
CA ASP A 163 0.35 -1.84 -2.47
C ASP A 163 -0.60 -2.92 -1.94
N LYS A 164 -1.79 -2.53 -1.48
CA LYS A 164 -2.79 -3.51 -1.06
C LYS A 164 -3.24 -4.37 -2.23
N ILE A 165 -3.42 -3.74 -3.40
CA ILE A 165 -3.99 -4.45 -4.54
C ILE A 165 -3.03 -5.53 -5.02
N VAL A 166 -1.74 -5.19 -5.18
CA VAL A 166 -0.86 -6.12 -5.86
C VAL A 166 -0.39 -7.29 -5.01
N ILE A 167 -0.63 -7.27 -3.70
CA ILE A 167 -0.31 -8.44 -2.90
C ILE A 167 -1.46 -9.42 -2.82
N GLN A 168 -2.65 -9.08 -3.31
CA GLN A 168 -3.72 -10.06 -3.39
C GLN A 168 -3.38 -11.12 -4.43
N LYS A 169 -3.74 -12.37 -4.13
CA LYS A 169 -3.56 -13.44 -5.13
C LYS A 169 -4.51 -13.30 -6.30
N TYR A 170 -5.72 -12.77 -6.08
CA TYR A 170 -6.81 -12.80 -7.05
C TYR A 170 -7.51 -11.45 -7.10
N HIS A 171 -7.94 -11.08 -8.30
CA HIS A 171 -8.85 -9.97 -8.51
C HIS A 171 -9.94 -10.39 -9.47
N THR A 172 -11.20 -10.30 -9.02
CA THR A 172 -12.37 -10.65 -9.81
C THR A 172 -13.17 -9.38 -10.05
N VAL A 173 -13.29 -9.00 -11.32
CA VAL A 173 -14.04 -7.82 -11.74
C VAL A 173 -14.90 -8.18 -12.94
N ASN A 174 -16.20 -7.93 -12.85
CA ASN A 174 -17.12 -8.20 -13.96
C ASN A 174 -17.05 -9.67 -14.36
N GLY A 175 -16.96 -10.55 -13.37
CA GLY A 175 -16.81 -11.97 -13.59
C GLY A 175 -15.46 -12.43 -14.10
N HIS A 176 -14.57 -11.52 -14.49
CA HIS A 176 -13.29 -11.87 -15.07
C HIS A 176 -12.25 -12.03 -13.96
N ASN A 177 -11.40 -13.04 -14.10
CA ASN A 177 -10.20 -13.18 -13.27
C ASN A 177 -9.10 -12.32 -13.87
N CYS A 178 -8.72 -11.26 -13.16
CA CYS A 178 -7.90 -10.20 -13.74
C CYS A 178 -6.44 -10.34 -13.32
N GLU A 179 -5.55 -9.88 -14.18
CA GLU A 179 -4.13 -9.74 -13.89
C GLU A 179 -3.88 -8.28 -13.53
N VAL A 180 -3.34 -8.03 -12.35
CA VAL A 180 -3.13 -6.66 -11.89
C VAL A 180 -1.67 -6.50 -11.49
N ARG A 181 -1.06 -5.44 -12.03
CA ARG A 181 0.35 -5.18 -11.71
C ARG A 181 0.58 -3.68 -11.54
N LYS A 182 1.67 -3.32 -10.88
CA LYS A 182 2.07 -1.91 -10.76
C LYS A 182 2.39 -1.37 -12.17
N ALA A 183 1.96 -0.16 -12.47
CA ALA A 183 2.23 0.48 -13.77
C ALA A 183 3.20 1.65 -13.57
N LEU A 184 4.21 1.74 -14.42
CA LEU A 184 5.24 2.80 -14.24
C LEU A 184 5.20 3.81 -15.38
#